data_5YYA
#
_entry.id   5YYA
#
_cell.length_a   38.790
_cell.length_b   60.004
_cell.length_c   68.903
_cell.angle_alpha   90.00
_cell.angle_beta   90.00
_cell.angle_gamma   90.00
#
_symmetry.space_group_name_H-M   'P 21 21 21'
#
loop_
_entity.id
_entity.type
_entity.pdbx_description
1 polymer 'E3 ubiquitin-protein ligase UHRF1'
2 non-polymer 1,2-ETHANEDIOL
3 non-polymer 'SULFATE ION'
4 water water
#
_entity_poly.entity_id   1
_entity_poly.type   'polypeptide(L)'
_entity_poly.pdbx_seq_one_letter_code
;SDEDMWDETELGLYKVNEYVDARDTNMGAWFEAQVVRVTRKAPSRDEPCSSTSRPALEEDVIYHVKYDDYPENGVVQMNS
RDVRARARTIIKWQDLEVGQVVMLNYNPDNPKERGFWYDAEISRKRETRTARELYANVVLGDDSLNDCRIIFVDEVFKIE
RPGE
;
_entity_poly.pdbx_strand_id   A
#
loop_
_chem_comp.id
_chem_comp.type
_chem_comp.name
_chem_comp.formula
EDO non-polymer 1,2-ETHANEDIOL 'C2 H6 O2'
SO4 non-polymer 'SULFATE ION' 'O4 S -2'
#
# COMPACT_ATOMS: atom_id res chain seq x y z
N MET A 5 -15.91 16.12 -8.74
CA MET A 5 -15.42 14.91 -9.41
C MET A 5 -16.53 14.13 -10.09
N TRP A 6 -16.18 13.48 -11.19
CA TRP A 6 -17.08 12.68 -12.00
C TRP A 6 -16.69 11.22 -11.91
N ASP A 7 -17.67 10.33 -12.09
CA ASP A 7 -17.35 8.91 -12.09
C ASP A 7 -16.41 8.56 -13.24
N GLU A 8 -15.45 7.68 -12.95
CA GLU A 8 -14.43 7.25 -13.90
C GLU A 8 -14.75 5.84 -14.36
N THR A 9 -14.94 5.67 -15.67
CA THR A 9 -15.25 4.37 -16.23
C THR A 9 -14.18 3.83 -17.17
N GLU A 10 -13.18 4.62 -17.53
CA GLU A 10 -12.21 4.20 -18.54
C GLU A 10 -10.85 3.83 -17.96
N LEU A 11 -10.48 4.34 -16.79
CA LEU A 11 -9.10 4.27 -16.32
C LEU A 11 -8.86 3.52 -15.02
N GLY A 12 -9.88 3.29 -14.19
CA GLY A 12 -9.63 2.68 -12.90
C GLY A 12 -9.03 1.29 -13.03
N LEU A 13 -8.09 0.96 -12.13
CA LEU A 13 -7.54 -0.39 -12.07
C LEU A 13 -8.37 -1.34 -11.23
N TYR A 14 -9.19 -0.82 -10.34
CA TYR A 14 -10.06 -1.61 -9.49
C TYR A 14 -11.49 -1.13 -9.69
N LYS A 15 -12.44 -2.03 -9.59
CA LYS A 15 -13.84 -1.68 -9.79
C LYS A 15 -14.55 -1.51 -8.46
N VAL A 16 -15.68 -0.80 -8.52
CA VAL A 16 -16.59 -0.74 -7.37
C VAL A 16 -16.90 -2.14 -6.92
N ASN A 17 -16.85 -2.36 -5.61
CA ASN A 17 -17.10 -3.59 -4.86
C ASN A 17 -15.85 -4.46 -4.75
N GLU A 18 -14.78 -4.17 -5.48
CA GLU A 18 -13.59 -5.00 -5.40
C GLU A 18 -12.76 -4.63 -4.17
N TYR A 19 -12.06 -5.64 -3.64
CA TYR A 19 -11.21 -5.44 -2.47
C TYR A 19 -9.77 -5.20 -2.90
N VAL A 20 -9.09 -4.35 -2.13
CA VAL A 20 -7.74 -3.87 -2.41
C VAL A 20 -7.03 -3.71 -1.08
N ASP A 21 -5.73 -3.43 -1.16
CA ASP A 21 -4.97 -2.92 -0.03
C ASP A 21 -4.85 -1.41 -0.21
N ALA A 22 -5.15 -0.67 0.85
CA ALA A 22 -5.15 0.80 0.81
C ALA A 22 -4.25 1.33 1.90
N ARG A 23 -3.48 2.37 1.57
CA ARG A 23 -2.48 2.92 2.48
C ARG A 23 -3.02 4.14 3.21
N ASP A 24 -3.02 4.08 4.54
CA ASP A 24 -3.31 5.25 5.36
C ASP A 24 -2.12 6.20 5.28
N THR A 25 -2.28 7.33 4.60
CA THR A 25 -1.14 8.20 4.36
C THR A 25 -0.62 8.85 5.63
N ASN A 26 -1.42 8.88 6.70
CA ASN A 26 -0.94 9.40 7.96
C ASN A 26 -0.03 8.41 8.68
N MET A 27 -0.29 7.11 8.52
CA MET A 27 0.48 6.06 9.16
C MET A 27 1.53 5.44 8.25
N GLY A 28 1.27 5.40 6.94
CA GLY A 28 2.06 4.59 6.04
C GLY A 28 1.68 3.12 6.02
N ALA A 29 0.72 2.70 6.83
CA ALA A 29 0.35 1.30 6.94
C ALA A 29 -0.72 0.93 5.90
N TRP A 30 -0.71 -0.33 5.49
CA TRP A 30 -1.64 -0.85 4.49
C TRP A 30 -2.75 -1.66 5.15
N PHE A 31 -3.99 -1.45 4.69
CA PHE A 31 -5.18 -2.11 5.24
C PHE A 31 -6.05 -2.62 4.10
N GLU A 32 -6.73 -3.75 4.34
CA GLU A 32 -7.69 -4.23 3.37
C GLU A 32 -8.88 -3.27 3.31
N ALA A 33 -9.33 -2.97 2.09
CA ALA A 33 -10.43 -2.03 1.93
C ALA A 33 -11.25 -2.45 0.72
N GLN A 34 -12.50 -1.96 0.68
CA GLN A 34 -13.39 -2.19 -0.45
C GLN A 34 -13.60 -0.89 -1.20
N VAL A 35 -13.49 -0.95 -2.52
CA VAL A 35 -13.73 0.23 -3.34
C VAL A 35 -15.23 0.46 -3.41
N VAL A 36 -15.65 1.70 -3.14
CA VAL A 36 -17.06 2.05 -3.25
C VAL A 36 -17.35 3.07 -4.33
N ARG A 37 -16.33 3.77 -4.84
CA ARG A 37 -16.51 4.68 -5.96
C ARG A 37 -15.16 4.95 -6.61
N VAL A 38 -15.19 5.23 -7.92
CA VAL A 38 -14.00 5.54 -8.68
C VAL A 38 -14.26 6.83 -9.43
N THR A 39 -13.46 7.87 -9.18
CA THR A 39 -13.73 9.17 -9.78
C THR A 39 -12.46 9.78 -10.35
N ARG A 40 -12.65 10.85 -11.13
CA ARG A 40 -11.55 11.65 -11.63
C ARG A 40 -12.00 13.11 -11.67
N LYS A 41 -11.03 14.02 -11.64
CA LYS A 41 -11.36 15.45 -11.63
C LYS A 41 -12.21 15.82 -12.83
N ALA A 42 -13.23 16.61 -12.58
CA ALA A 42 -14.18 16.98 -13.63
C ALA A 42 -13.53 17.93 -14.62
N PRO A 43 -13.84 17.81 -15.91
CA PRO A 43 -13.45 18.87 -16.85
C PRO A 43 -14.18 20.15 -16.50
N SER A 44 -13.54 21.28 -16.82
CA SER A 44 -14.19 22.58 -16.65
C SER A 44 -15.33 22.71 -17.66
N ARG A 45 -16.21 23.70 -17.42
CA ARG A 45 -17.29 23.98 -18.37
C ARG A 45 -16.78 24.15 -19.79
N ASP A 46 -15.63 24.80 -19.96
N ASP A 46 -15.61 24.77 -19.96
CA ASP A 46 -15.09 25.08 -21.28
CA ASP A 46 -15.09 25.08 -21.28
C ASP A 46 -13.93 24.14 -21.63
C ASP A 46 -14.04 24.08 -21.74
N GLU A 47 -13.93 22.93 -21.07
CA GLU A 47 -12.93 21.93 -21.36
C GLU A 47 -13.62 20.67 -21.87
N PRO A 48 -13.10 20.05 -22.94
CA PRO A 48 -13.69 18.79 -23.41
C PRO A 48 -13.32 17.63 -22.50
N CYS A 49 -14.16 16.59 -22.54
CA CYS A 49 -13.91 15.40 -21.73
C CYS A 49 -12.56 14.76 -22.08
N SER A 50 -12.25 14.68 -23.37
CA SER A 50 -10.96 14.17 -23.83
C SER A 50 -10.14 15.40 -24.25
N SER A 51 -9.21 15.80 -23.40
CA SER A 51 -8.49 17.04 -23.56
C SER A 51 -7.09 16.80 -24.12
N THR A 52 -6.71 17.63 -25.09
CA THR A 52 -5.34 17.58 -25.60
C THR A 52 -4.35 18.10 -24.56
N SER A 53 -4.74 19.12 -23.81
CA SER A 53 -3.82 19.74 -22.84
C SER A 53 -3.67 18.89 -21.59
N ARG A 54 -4.75 18.26 -21.11
CA ARG A 54 -4.70 17.43 -19.91
C ARG A 54 -5.27 16.05 -20.24
N PRO A 55 -4.48 15.18 -20.87
CA PRO A 55 -4.95 13.81 -21.12
C PRO A 55 -5.23 13.10 -19.81
N ALA A 56 -6.20 12.18 -19.86
CA ALA A 56 -6.61 11.43 -18.68
C ALA A 56 -5.58 10.36 -18.37
N LEU A 57 -5.16 10.29 -17.11
CA LEU A 57 -4.15 9.34 -16.67
C LEU A 57 -4.65 8.56 -15.46
N GLU A 58 -4.24 7.30 -15.37
CA GLU A 58 -4.63 6.49 -14.23
C GLU A 58 -4.09 7.06 -12.92
N GLU A 59 -2.92 7.72 -12.96
CA GLU A 59 -2.35 8.26 -11.74
C GLU A 59 -3.20 9.36 -11.13
N ASP A 60 -4.17 9.90 -11.88
CA ASP A 60 -5.06 10.93 -11.39
C ASP A 60 -6.40 10.38 -10.91
N VAL A 61 -6.60 9.08 -10.98
CA VAL A 61 -7.86 8.48 -10.55
C VAL A 61 -7.92 8.46 -9.04
N ILE A 62 -9.10 8.75 -8.49
CA ILE A 62 -9.33 8.74 -7.04
C ILE A 62 -10.21 7.56 -6.71
N TYR A 63 -9.76 6.72 -5.78
CA TYR A 63 -10.53 5.58 -5.31
C TYR A 63 -11.14 5.91 -3.96
N HIS A 64 -12.46 5.79 -3.86
CA HIS A 64 -13.16 5.93 -2.59
C HIS A 64 -13.28 4.54 -1.99
N VAL A 65 -12.76 4.36 -0.77
CA VAL A 65 -12.72 3.03 -0.15
C VAL A 65 -13.29 3.08 1.26
N LYS A 66 -13.74 1.91 1.73
CA LYS A 66 -14.08 1.72 3.14
C LYS A 66 -13.21 0.59 3.68
N TYR A 67 -12.51 0.87 4.77
CA TYR A 67 -11.63 -0.14 5.37
C TYR A 67 -12.46 -1.29 5.94
N ASP A 68 -12.03 -2.51 5.65
CA ASP A 68 -12.83 -3.67 6.04
C ASP A 68 -12.88 -3.85 7.56
N ASP A 69 -11.80 -3.52 8.26
CA ASP A 69 -11.78 -3.65 9.72
C ASP A 69 -12.09 -2.35 10.44
N TYR A 70 -12.33 -1.27 9.70
CA TYR A 70 -12.63 0.03 10.31
C TYR A 70 -13.79 0.69 9.57
N PRO A 71 -14.96 0.04 9.53
CA PRO A 71 -16.13 0.70 8.95
C PRO A 71 -16.49 1.99 9.66
N GLU A 72 -16.01 2.18 10.89
CA GLU A 72 -16.22 3.41 11.63
C GLU A 72 -15.57 4.61 10.96
N ASN A 73 -14.55 4.39 10.11
CA ASN A 73 -13.85 5.49 9.48
C ASN A 73 -14.58 6.04 8.26
N GLY A 74 -15.72 5.47 7.89
CA GLY A 74 -16.45 5.95 6.73
C GLY A 74 -15.66 5.75 5.45
N VAL A 75 -16.08 6.49 4.43
CA VAL A 75 -15.48 6.43 3.10
C VAL A 75 -14.28 7.38 3.07
N VAL A 76 -13.15 6.89 2.57
CA VAL A 76 -11.90 7.65 2.49
C VAL A 76 -11.49 7.74 1.03
N GLN A 77 -11.09 8.93 0.59
CA GLN A 77 -10.62 9.13 -0.77
C GLN A 77 -9.13 8.81 -0.85
N MET A 78 -8.75 8.01 -1.84
CA MET A 78 -7.37 7.53 -1.96
C MET A 78 -6.77 7.95 -3.28
N ASN A 79 -5.60 8.56 -3.22
CA ASN A 79 -4.75 8.70 -4.40
C ASN A 79 -4.47 7.31 -4.99
N SER A 80 -4.26 7.27 -6.31
N SER A 80 -4.26 7.27 -6.31
CA SER A 80 -4.02 5.98 -6.96
CA SER A 80 -4.03 5.98 -6.97
C SER A 80 -2.79 5.28 -6.42
C SER A 80 -2.79 5.28 -6.44
N ARG A 81 -1.75 6.04 -6.03
CA ARG A 81 -0.55 5.41 -5.48
C ARG A 81 -0.79 4.76 -4.12
N ASP A 82 -1.92 5.01 -3.47
CA ASP A 82 -2.21 4.46 -2.16
C ASP A 82 -3.20 3.31 -2.21
N VAL A 83 -3.40 2.72 -3.39
CA VAL A 83 -4.25 1.55 -3.56
C VAL A 83 -3.50 0.57 -4.44
N ARG A 84 -3.53 -0.70 -4.06
CA ARG A 84 -2.89 -1.73 -4.88
C ARG A 84 -3.59 -3.06 -4.61
N ALA A 85 -3.25 -4.06 -5.44
CA ALA A 85 -3.80 -5.39 -5.27
C ALA A 85 -3.43 -5.96 -3.90
N ARG A 86 -4.34 -6.75 -3.33
CA ARG A 86 -4.10 -7.32 -2.00
C ARG A 86 -2.86 -8.21 -2.00
N ALA A 87 -2.06 -8.09 -0.94
CA ALA A 87 -0.90 -8.96 -0.77
C ALA A 87 -1.33 -10.42 -0.71
N ARG A 88 -0.52 -11.30 -1.30
CA ARG A 88 -0.89 -12.72 -1.34
C ARG A 88 0.30 -13.67 -1.30
N THR A 89 1.49 -13.21 -1.66
CA THR A 89 2.63 -14.10 -1.85
C THR A 89 3.70 -13.86 -0.80
N ILE A 90 4.07 -14.91 -0.08
CA ILE A 90 5.11 -14.82 0.94
C ILE A 90 6.47 -14.97 0.30
N ILE A 91 7.43 -14.15 0.76
CA ILE A 91 8.83 -14.37 0.46
C ILE A 91 9.41 -15.20 1.59
N LYS A 92 9.69 -16.47 1.31
CA LYS A 92 10.22 -17.38 2.32
C LYS A 92 11.50 -16.82 2.94
N TRP A 93 11.71 -17.16 4.21
CA TRP A 93 12.93 -16.75 4.90
C TRP A 93 14.18 -17.00 4.06
N GLN A 94 14.28 -18.20 3.47
CA GLN A 94 15.49 -18.52 2.71
C GLN A 94 15.67 -17.64 1.48
N ASP A 95 14.60 -17.01 0.99
CA ASP A 95 14.66 -16.16 -0.20
C ASP A 95 14.77 -14.68 0.13
N LEU A 96 14.66 -14.29 1.40
CA LEU A 96 14.81 -12.89 1.76
C LEU A 96 16.25 -12.44 1.53
N GLU A 97 16.41 -11.22 1.01
CA GLU A 97 17.74 -10.66 0.77
C GLU A 97 17.74 -9.19 1.11
N VAL A 98 18.88 -8.72 1.63
CA VAL A 98 19.10 -7.30 1.85
C VAL A 98 18.86 -6.55 0.57
N GLY A 99 18.11 -5.46 0.66
CA GLY A 99 17.78 -4.65 -0.49
C GLY A 99 16.39 -4.88 -1.05
N GLN A 100 15.75 -6.00 -0.70
CA GLN A 100 14.39 -6.24 -1.16
C GLN A 100 13.42 -5.24 -0.51
N VAL A 101 12.50 -4.72 -1.30
CA VAL A 101 11.44 -3.85 -0.80
C VAL A 101 10.16 -4.67 -0.73
N VAL A 102 9.63 -4.81 0.49
CA VAL A 102 8.62 -5.82 0.82
C VAL A 102 7.57 -5.17 1.71
N MET A 103 6.52 -5.93 2.00
CA MET A 103 5.53 -5.54 3.00
C MET A 103 5.64 -6.48 4.19
N LEU A 104 5.75 -5.92 5.39
CA LEU A 104 5.96 -6.76 6.57
C LEU A 104 5.26 -6.12 7.77
N ASN A 105 5.19 -6.87 8.86
CA ASN A 105 4.46 -6.44 10.04
C ASN A 105 5.42 -5.91 11.10
N TYR A 106 5.14 -4.72 11.60
CA TYR A 106 6.02 -4.11 12.59
C TYR A 106 5.20 -3.19 13.50
N ASN A 107 5.59 -3.13 14.77
CA ASN A 107 4.96 -2.24 15.74
C ASN A 107 5.99 -1.21 16.18
N PRO A 108 5.93 0.03 15.66
CA PRO A 108 6.95 1.04 16.01
C PRO A 108 6.98 1.41 17.48
N ASP A 109 5.85 1.34 18.18
CA ASP A 109 5.83 1.70 19.59
C ASP A 109 6.35 0.58 20.48
N ASN A 110 6.10 -0.67 20.10
CA ASN A 110 6.46 -1.83 20.91
C ASN A 110 6.97 -2.90 19.95
N PRO A 111 8.26 -2.84 19.62
CA PRO A 111 8.78 -3.65 18.50
C PRO A 111 8.65 -5.15 18.69
N LYS A 112 8.42 -5.64 19.90
CA LYS A 112 8.25 -7.08 20.07
C LYS A 112 6.81 -7.53 19.91
N GLU A 113 5.88 -6.61 19.71
CA GLU A 113 4.46 -6.92 19.62
C GLU A 113 4.01 -6.91 18.16
N ARG A 114 2.84 -7.50 17.93
CA ARG A 114 2.20 -7.38 16.64
C ARG A 114 1.86 -5.92 16.36
N GLY A 115 2.06 -5.50 15.11
CA GLY A 115 1.81 -4.13 14.71
C GLY A 115 0.96 -4.04 13.45
N PHE A 116 1.41 -3.23 12.51
CA PHE A 116 0.71 -2.96 11.26
C PHE A 116 1.58 -3.37 10.08
N TRP A 117 0.99 -3.31 8.89
CA TRP A 117 1.64 -3.77 7.67
C TRP A 117 2.26 -2.58 6.95
N TYR A 118 3.58 -2.56 6.88
CA TYR A 118 4.32 -1.46 6.30
C TYR A 118 5.18 -1.96 5.15
N ASP A 119 5.43 -1.08 4.19
CA ASP A 119 6.49 -1.32 3.25
C ASP A 119 7.84 -1.04 3.90
N ALA A 120 8.83 -1.83 3.52
CA ALA A 120 10.13 -1.78 4.19
C ALA A 120 11.20 -2.29 3.24
N GLU A 121 12.43 -1.80 3.42
CA GLU A 121 13.58 -2.33 2.69
C GLU A 121 14.39 -3.18 3.66
N ILE A 122 14.60 -4.46 3.32
CA ILE A 122 15.40 -5.33 4.16
C ILE A 122 16.81 -4.77 4.26
N SER A 123 17.31 -4.59 5.50
CA SER A 123 18.61 -4.00 5.71
C SER A 123 19.65 -4.93 6.30
N ARG A 124 19.26 -5.99 7.01
CA ARG A 124 20.21 -6.91 7.60
C ARG A 124 19.52 -8.26 7.77
N LYS A 125 20.26 -9.34 7.52
CA LYS A 125 19.75 -10.69 7.67
C LYS A 125 20.85 -11.57 8.25
N ARG A 126 20.56 -12.21 9.38
CA ARG A 126 21.52 -13.08 10.04
C ARG A 126 20.81 -14.30 10.60
N GLU A 127 21.57 -15.39 10.76
CA GLU A 127 20.97 -16.63 11.22
C GLU A 127 21.98 -17.42 12.01
N THR A 128 21.51 -18.05 13.09
CA THR A 128 22.21 -19.13 13.77
C THR A 128 21.29 -20.35 13.80
N ARG A 129 21.75 -21.44 14.43
CA ARG A 129 20.90 -22.61 14.54
C ARG A 129 19.67 -22.35 15.39
N THR A 130 19.70 -21.32 16.23
CA THR A 130 18.61 -21.04 17.15
C THR A 130 17.91 -19.69 16.92
N ALA A 131 18.40 -18.86 16.00
CA ALA A 131 17.78 -17.55 15.81
C ALA A 131 17.84 -17.15 14.35
N ARG A 132 16.77 -16.53 13.87
CA ARG A 132 16.69 -15.93 12.54
C ARG A 132 16.38 -14.46 12.74
N GLU A 133 17.34 -13.60 12.44
CA GLU A 133 17.25 -12.17 12.74
C GLU A 133 17.06 -11.39 11.43
N LEU A 134 15.99 -10.62 11.36
CA LEU A 134 15.68 -9.80 10.20
C LEU A 134 15.57 -8.34 10.63
N TYR A 135 16.20 -7.46 9.87
CA TYR A 135 16.13 -6.02 10.11
C TYR A 135 15.72 -5.32 8.82
N ALA A 136 14.96 -4.24 8.96
CA ALA A 136 14.50 -3.52 7.79
C ALA A 136 14.33 -2.03 8.11
N ASN A 137 14.41 -1.21 7.07
CA ASN A 137 14.07 0.20 7.17
C ASN A 137 12.59 0.34 6.83
N VAL A 138 11.78 0.70 7.82
CA VAL A 138 10.32 0.64 7.74
C VAL A 138 9.80 2.02 7.35
N VAL A 139 8.94 2.08 6.34
CA VAL A 139 8.42 3.34 5.82
C VAL A 139 7.13 3.69 6.54
N LEU A 140 7.12 4.83 7.23
CA LEU A 140 5.91 5.34 7.87
C LEU A 140 5.27 6.39 6.94
N GLY A 141 4.43 7.26 7.50
CA GLY A 141 3.71 8.21 6.67
C GLY A 141 4.59 9.32 6.13
N ASP A 142 5.45 9.88 6.97
CA ASP A 142 6.29 11.00 6.53
C ASP A 142 7.73 10.83 7.00
N ASP A 143 8.17 9.60 7.23
CA ASP A 143 9.49 9.32 7.78
C ASP A 143 9.71 7.82 7.65
N SER A 144 10.97 7.42 7.73
CA SER A 144 11.32 6.01 7.79
C SER A 144 12.10 5.73 9.07
N LEU A 145 11.87 4.54 9.62
CA LEU A 145 12.59 4.07 10.79
C LEU A 145 13.65 3.10 10.32
N ASN A 146 14.91 3.43 10.57
CA ASN A 146 16.00 2.63 10.02
C ASN A 146 16.43 1.56 11.01
N ASP A 147 16.77 0.39 10.45
N ASP A 147 16.76 0.37 10.47
CA ASP A 147 17.25 -0.80 11.17
CA ASP A 147 17.30 -0.71 11.28
C ASP A 147 16.32 -1.16 12.31
C ASP A 147 16.31 -1.16 12.37
N CYS A 148 15.08 -1.47 11.94
CA CYS A 148 14.09 -2.03 12.85
C CYS A 148 14.23 -3.54 12.88
N ARG A 149 14.15 -4.12 14.07
CA ARG A 149 14.14 -5.58 14.17
C ARG A 149 12.74 -6.10 13.87
N ILE A 150 12.63 -6.96 12.87
CA ILE A 150 11.35 -7.50 12.43
C ILE A 150 11.15 -8.85 13.08
N ILE A 151 10.11 -8.97 13.90
CA ILE A 151 9.83 -10.21 14.62
C ILE A 151 9.24 -11.27 13.70
N PHE A 152 8.35 -10.85 12.80
CA PHE A 152 7.51 -11.80 12.06
C PHE A 152 8.16 -12.14 10.73
N VAL A 153 9.25 -12.90 10.83
CA VAL A 153 10.13 -13.17 9.69
C VAL A 153 9.55 -14.18 8.70
N ASP A 154 8.50 -14.91 9.08
CA ASP A 154 7.85 -15.85 8.18
C ASP A 154 6.58 -15.28 7.55
N GLU A 155 6.34 -13.99 7.73
CA GLU A 155 5.17 -13.32 7.17
C GLU A 155 5.57 -12.07 6.41
N VAL A 156 6.64 -12.16 5.61
CA VAL A 156 7.05 -11.08 4.73
C VAL A 156 6.40 -11.29 3.37
N PHE A 157 5.74 -10.26 2.85
CA PHE A 157 4.96 -10.36 1.62
C PHE A 157 5.61 -9.62 0.46
N LYS A 158 5.50 -10.19 -0.73
CA LYS A 158 5.80 -9.46 -1.95
C LYS A 158 4.79 -8.34 -2.15
N ILE A 159 5.28 -7.20 -2.64
CA ILE A 159 4.40 -6.10 -3.03
C ILE A 159 3.88 -6.35 -4.43
N GLU A 160 2.56 -6.32 -4.60
CA GLU A 160 1.95 -6.58 -5.90
C GLU A 160 2.09 -5.36 -6.81
N ARG A 161 2.71 -5.56 -7.97
CA ARG A 161 2.86 -4.54 -8.99
C ARG A 161 2.33 -5.10 -10.30
N PRO A 162 1.52 -4.35 -11.03
CA PRO A 162 0.95 -4.87 -12.28
C PRO A 162 2.04 -5.28 -13.27
N GLY A 163 1.83 -6.44 -13.88
CA GLY A 163 2.75 -6.96 -14.87
C GLY A 163 4.03 -7.52 -14.31
N GLU A 164 4.15 -7.63 -12.99
CA GLU A 164 5.39 -8.06 -12.36
C GLU A 164 5.16 -9.21 -11.40
C1 EDO B . -2.34 -5.76 3.99
O1 EDO B . -2.33 -6.85 3.06
C2 EDO B . -3.67 -5.75 4.74
O2 EDO B . -3.77 -6.95 5.53
C1 EDO C . -2.11 -9.77 4.00
O1 EDO C . -3.33 -9.01 4.08
C2 EDO C . -1.41 -9.70 5.36
O2 EDO C . -2.09 -10.53 6.29
C1 EDO D . -6.16 3.31 9.58
O1 EDO D . -6.71 4.63 9.53
C2 EDO D . -7.28 2.30 9.76
O2 EDO D . -7.80 2.42 11.09
S SO4 E . -2.73 -9.15 11.32
O1 SO4 E . -2.33 -10.51 11.06
O2 SO4 E . -1.68 -8.43 12.04
O3 SO4 E . -3.06 -8.51 10.06
O4 SO4 E . -3.94 -9.13 12.15
#